data_5HMZ
#
_entry.id   5HMZ
#
_cell.length_a   160.875
_cell.length_b   175.498
_cell.length_c   57.870
_cell.angle_alpha   90.000
_cell.angle_beta   90.000
_cell.angle_gamma   90.000
#
_symmetry.space_group_name_H-M   'C 2 2 21'
#
loop_
_entity.id
_entity.type
_entity.pdbx_description
1 polymer 'RNA-directed RNA polymerase NS5'
2 non-polymer 'ZINC ION'
3 non-polymer 5-(5-(3-hydroxyprop-1-yn-1-yl)thiophen-2-yl)-4-methoxy-2-methyl-N-(methylsulfonyl)benzamide
4 water water
#
_entity_poly.entity_id   1
_entity_poly.type   'polypeptide(L)'
_entity_poly.pdbx_seq_one_letter_code
;GSHMLDNMDVIGERIKRIKEEHNSTWHYDDENPYKTWAYHGSYEVKATGSASSMINGVVKLLTKPWDVVPMVTQMAMTDT
TPFGQQRVFKEKVDTRTPRPLPGTRKVMEITAEWLWRTLGRNKRPRLCTREEFTKKVRTNAAMGAVFTEENQWDSAKAAV
EDEEFWKLVDRERELHKLGKCGSCVYNMMGKREKKLGEFGKAKGSRAIWYMWLGVRYLEFEALGFLNEDHWFSRENSYSG
VEGEGLHKLGYILRDISKIPGGAMYADDTAGWDTRITEDDLHNEEKIIQQMDPEHRQLANAIFKLTYQNKVVKVQRPTPT
GTVMDIISRKDQRGSGQVGTYGLNTFTNMEAQLVRQMEGEGVLTKADLENPHLLEKKITQWLETKGVERLKRMAISGDDC
VVKPIDDRFANALLALNDMGKVRKDIPQWQPSKGWHDWQQVPFCSHHFHELIMKDGRKLVVPCRPQDELIGRARISQGAG
WSLRETACLGKAYAQMWSLMYFHRRDLRLASNAICSAVPVHWVPTSRTTWSIHAHHQWMTTEDMLTVWNRVWIEENPWME
DKTPVTTWENVPYLGKREDQWCGSLIGLTSRATWAQNIPTAIQQVRSLIGNEEFLDYMPSMKRFRKEEESEGAIW
;
_entity_poly.pdbx_strand_id   A
#
# COMPACT_ATOMS: atom_id res chain seq x y z
N ASN A 7 4.15 -8.95 30.66
CA ASN A 7 4.07 -9.09 29.20
C ASN A 7 4.16 -10.56 28.75
N MET A 8 4.90 -11.40 29.50
CA MET A 8 5.11 -12.82 29.20
C MET A 8 3.83 -13.66 29.20
N ASP A 9 2.75 -13.21 29.87
CA ASP A 9 1.48 -13.95 29.89
C ASP A 9 0.78 -14.00 28.53
N VAL A 10 1.07 -13.05 27.64
CA VAL A 10 0.45 -13.01 26.31
C VAL A 10 1.37 -13.64 25.24
N ILE A 11 2.70 -13.35 25.33
CA ILE A 11 3.69 -13.79 24.34
C ILE A 11 4.48 -15.05 24.71
N GLY A 12 4.47 -15.42 25.99
CA GLY A 12 5.20 -16.56 26.54
C GLY A 12 5.04 -17.89 25.85
N GLU A 13 3.81 -18.25 25.48
CA GLU A 13 3.54 -19.52 24.82
C GLU A 13 4.23 -19.63 23.45
N ARG A 14 4.14 -18.55 22.63
CA ARG A 14 4.76 -18.50 21.29
C ARG A 14 6.28 -18.66 21.38
N ILE A 15 6.95 -17.90 22.28
CA ILE A 15 8.40 -17.95 22.50
C ILE A 15 8.79 -19.37 22.95
N LYS A 16 8.04 -19.95 23.90
CA LYS A 16 8.21 -21.33 24.39
C LYS A 16 8.21 -22.37 23.24
N ARG A 17 7.27 -22.27 22.29
CA ARG A 17 7.20 -23.19 21.15
C ARG A 17 8.38 -23.04 20.20
N ILE A 18 8.88 -21.79 20.02
CA ILE A 18 10.03 -21.48 19.17
C ILE A 18 11.31 -22.02 19.84
N LYS A 19 11.49 -21.71 21.14
CA LYS A 19 12.59 -22.13 22.00
C LYS A 19 12.72 -23.68 21.99
N GLU A 20 11.57 -24.40 22.06
CA GLU A 20 11.50 -25.86 22.07
C GLU A 20 11.83 -26.50 20.72
N GLU A 21 11.41 -25.85 19.62
CA GLU A 21 11.67 -26.32 18.26
C GLU A 21 13.15 -26.11 17.87
N HIS A 22 13.87 -25.22 18.58
CA HIS A 22 15.28 -24.93 18.29
C HIS A 22 16.14 -25.02 19.54
N ASN A 23 15.86 -26.02 20.42
CA ASN A 23 16.58 -26.19 21.70
C ASN A 23 18.07 -26.53 21.52
N SER A 24 18.46 -26.95 20.31
CA SER A 24 19.84 -27.28 19.95
C SER A 24 20.69 -26.02 19.77
N THR A 25 20.16 -25.00 19.06
CA THR A 25 20.89 -23.76 18.74
C THR A 25 20.37 -22.51 19.47
N TRP A 26 19.29 -22.63 20.27
CA TRP A 26 18.72 -21.51 21.04
C TRP A 26 19.73 -20.92 22.03
N HIS A 27 19.95 -19.61 21.97
CA HIS A 27 20.87 -18.89 22.85
C HIS A 27 20.45 -17.43 23.03
N TYR A 28 20.94 -16.80 24.11
CA TYR A 28 20.69 -15.40 24.37
C TYR A 28 21.91 -14.60 23.94
N ASP A 29 21.92 -14.15 22.68
CA ASP A 29 23.00 -13.35 22.10
C ASP A 29 22.97 -11.95 22.73
N ASP A 30 23.94 -11.67 23.64
CA ASP A 30 24.02 -10.38 24.35
C ASP A 30 24.63 -9.25 23.48
N GLU A 31 25.01 -9.58 22.23
CA GLU A 31 25.52 -8.62 21.25
C GLU A 31 24.35 -8.22 20.29
N ASN A 32 23.09 -8.53 20.69
CA ASN A 32 21.87 -8.22 19.93
C ASN A 32 21.70 -6.68 19.85
N PRO A 33 21.26 -6.13 18.69
CA PRO A 33 21.21 -4.66 18.55
C PRO A 33 19.89 -3.98 18.92
N TYR A 34 18.90 -4.72 19.50
CA TYR A 34 17.57 -4.19 19.82
C TYR A 34 17.60 -3.24 20.99
N LYS A 35 17.02 -2.05 20.80
CA LYS A 35 16.99 -1.01 21.85
C LYS A 35 15.60 -0.72 22.37
N THR A 36 14.58 -0.66 21.48
CA THR A 36 13.18 -0.38 21.85
C THR A 36 12.29 -1.66 21.80
N TRP A 37 12.79 -2.75 21.20
CA TRP A 37 12.10 -4.04 21.13
C TRP A 37 12.67 -4.92 22.23
N ALA A 38 11.82 -5.76 22.84
CA ALA A 38 12.27 -6.73 23.87
C ALA A 38 12.88 -7.91 23.09
N TYR A 39 14.13 -8.26 23.40
CA TYR A 39 14.80 -9.37 22.71
C TYR A 39 14.73 -10.63 23.58
N HIS A 40 14.22 -11.74 23.03
CA HIS A 40 14.06 -12.95 23.83
C HIS A 40 15.14 -14.02 23.59
N GLY A 41 15.66 -14.09 22.37
CA GLY A 41 16.70 -15.04 22.02
C GLY A 41 16.86 -15.28 20.53
N SER A 42 17.85 -16.11 20.16
CA SER A 42 18.16 -16.41 18.76
C SER A 42 18.39 -17.89 18.52
N TYR A 43 18.26 -18.29 17.25
CA TYR A 43 18.56 -19.64 16.78
C TYR A 43 19.15 -19.57 15.37
N GLU A 44 19.90 -20.62 14.96
CA GLU A 44 20.52 -20.65 13.64
C GLU A 44 19.50 -20.87 12.54
N VAL A 45 19.65 -20.12 11.44
CA VAL A 45 18.80 -20.20 10.24
C VAL A 45 19.63 -20.13 8.96
N LYS A 46 19.00 -20.53 7.85
CA LYS A 46 19.59 -20.41 6.52
C LYS A 46 19.22 -18.99 6.04
N ALA A 47 20.21 -18.20 5.61
CA ALA A 47 19.99 -16.83 5.12
C ALA A 47 19.11 -16.83 3.87
N THR A 48 18.13 -15.93 3.83
CA THR A 48 17.21 -15.79 2.71
C THR A 48 17.33 -14.36 2.11
N GLY A 49 16.82 -14.19 0.89
CA GLY A 49 16.83 -12.91 0.17
C GLY A 49 17.94 -12.75 -0.84
N SER A 50 18.10 -11.53 -1.38
CA SER A 50 19.11 -11.18 -2.38
C SER A 50 19.56 -9.72 -2.24
N ALA A 51 20.82 -9.42 -2.62
CA ALA A 51 21.35 -8.05 -2.56
C ALA A 51 20.88 -7.21 -3.76
N SER A 52 20.55 -7.88 -4.89
CA SER A 52 20.07 -7.28 -6.15
C SER A 52 18.76 -7.95 -6.63
N SER A 53 17.93 -7.20 -7.36
CA SER A 53 16.69 -7.69 -7.95
C SER A 53 17.02 -8.25 -9.36
N MET A 54 16.30 -9.33 -9.79
CA MET A 54 16.51 -9.92 -11.11
C MET A 54 15.98 -8.98 -12.20
N ILE A 55 16.71 -8.89 -13.33
CA ILE A 55 16.37 -8.01 -14.44
C ILE A 55 15.55 -8.71 -15.52
N ASN A 56 14.47 -8.05 -15.96
CA ASN A 56 13.63 -8.55 -17.05
C ASN A 56 14.31 -8.18 -18.36
N GLY A 57 14.92 -9.16 -19.00
CA GLY A 57 15.66 -9.00 -20.26
C GLY A 57 14.84 -8.52 -21.44
N VAL A 58 13.55 -8.93 -21.53
CA VAL A 58 12.64 -8.50 -22.60
C VAL A 58 12.41 -6.99 -22.48
N VAL A 59 12.08 -6.50 -21.26
CA VAL A 59 11.88 -5.07 -21.03
C VAL A 59 13.20 -4.32 -21.22
N LYS A 60 14.32 -4.83 -20.67
CA LYS A 60 15.64 -4.18 -20.79
C LYS A 60 16.08 -4.00 -22.27
N LEU A 61 15.93 -5.05 -23.11
CA LEU A 61 16.30 -4.98 -24.53
C LEU A 61 15.48 -3.96 -25.31
N LEU A 62 14.25 -3.69 -24.86
CA LEU A 62 13.37 -2.77 -25.57
C LEU A 62 13.33 -1.35 -24.94
N THR A 63 14.21 -1.08 -23.98
CA THR A 63 14.31 0.24 -23.31
C THR A 63 15.81 0.62 -23.19
N LYS A 64 16.60 0.42 -24.27
CA LYS A 64 18.05 0.70 -24.28
C LYS A 64 18.43 2.11 -23.74
N PRO A 65 17.76 3.24 -24.08
CA PRO A 65 18.16 4.54 -23.50
C PRO A 65 18.12 4.64 -21.97
N TRP A 66 17.40 3.75 -21.31
CA TRP A 66 17.29 3.78 -19.85
C TRP A 66 18.32 2.91 -19.17
N ASP A 67 19.21 2.28 -19.97
CA ASP A 67 20.35 1.53 -19.42
C ASP A 67 21.25 2.59 -18.74
N VAL A 68 21.29 3.85 -19.26
CA VAL A 68 22.10 4.92 -18.68
C VAL A 68 21.26 5.87 -17.79
N VAL A 69 20.35 5.34 -16.95
CA VAL A 69 19.52 6.23 -16.11
C VAL A 69 19.67 5.86 -14.62
N PRO A 70 20.20 6.77 -13.78
CA PRO A 70 20.44 6.44 -12.37
C PRO A 70 19.27 5.85 -11.60
N MET A 71 18.05 6.43 -11.70
CA MET A 71 16.90 5.88 -10.96
C MET A 71 16.57 4.47 -11.42
N VAL A 72 16.73 4.18 -12.73
CA VAL A 72 16.48 2.85 -13.30
C VAL A 72 17.46 1.81 -12.71
N THR A 73 18.74 2.19 -12.53
CA THR A 73 19.80 1.37 -11.92
C THR A 73 19.53 1.10 -10.43
N GLN A 74 19.21 2.16 -9.66
CA GLN A 74 18.91 2.08 -8.23
C GLN A 74 17.76 1.08 -7.91
N MET A 75 16.65 1.15 -8.66
CA MET A 75 15.47 0.29 -8.45
C MET A 75 15.78 -1.20 -8.53
N ALA A 76 16.72 -1.58 -9.39
CA ALA A 76 17.20 -2.94 -9.61
C ALA A 76 18.02 -3.47 -8.44
N MET A 77 18.30 -2.62 -7.43
CA MET A 77 19.11 -3.01 -6.29
C MET A 77 18.21 -3.65 -5.22
N THR A 78 17.89 -2.95 -4.10
CA THR A 78 17.01 -3.44 -3.01
C THR A 78 17.59 -4.72 -2.36
N ASP A 79 18.11 -4.56 -1.13
CA ASP A 79 18.73 -5.62 -0.35
C ASP A 79 17.73 -6.28 0.61
N THR A 80 17.46 -7.58 0.38
CA THR A 80 16.54 -8.36 1.21
C THR A 80 17.26 -9.44 2.05
N THR A 81 18.61 -9.47 1.98
CA THR A 81 19.45 -10.41 2.75
C THR A 81 19.38 -10.06 4.26
N PRO A 82 19.89 -10.92 5.20
CA PRO A 82 19.87 -10.54 6.63
C PRO A 82 20.52 -9.17 6.89
N PHE A 83 21.52 -8.79 6.07
CA PHE A 83 22.22 -7.51 6.12
C PHE A 83 21.26 -6.34 5.81
N GLY A 84 20.49 -6.48 4.72
CA GLY A 84 19.49 -5.50 4.31
C GLY A 84 18.37 -5.40 5.32
N GLN A 85 17.92 -6.57 5.85
CA GLN A 85 16.89 -6.67 6.89
C GLN A 85 17.30 -5.86 8.13
N GLN A 86 18.53 -6.10 8.62
CA GLN A 86 19.07 -5.44 9.80
C GLN A 86 19.19 -3.91 9.70
N ARG A 87 19.70 -3.38 8.57
CA ARG A 87 19.90 -1.93 8.44
C ARG A 87 18.58 -1.17 8.26
N VAL A 88 17.58 -1.78 7.59
CA VAL A 88 16.24 -1.19 7.45
C VAL A 88 15.61 -1.12 8.86
N PHE A 89 15.79 -2.20 9.64
CA PHE A 89 15.32 -2.31 11.02
C PHE A 89 15.90 -1.18 11.89
N LYS A 90 17.24 -1.01 11.86
CA LYS A 90 17.98 0.01 12.62
C LYS A 90 17.55 1.43 12.25
N GLU A 91 17.59 1.76 10.94
CA GLU A 91 17.24 3.07 10.36
C GLU A 91 15.81 3.54 10.65
N LYS A 92 14.83 2.62 10.76
CA LYS A 92 13.42 2.98 10.93
C LYS A 92 12.69 2.47 12.21
N VAL A 93 12.50 1.14 12.27
CA VAL A 93 11.71 0.33 13.18
C VAL A 93 12.13 0.33 14.68
N ASP A 94 13.41 0.57 15.00
CA ASP A 94 13.86 0.52 16.39
C ASP A 94 13.82 1.90 17.06
N THR A 95 12.59 2.43 17.20
CA THR A 95 12.30 3.75 17.81
C THR A 95 11.12 3.64 18.76
N ARG A 96 10.95 4.66 19.59
CA ARG A 96 9.86 4.78 20.56
C ARG A 96 9.19 6.16 20.28
N THR A 97 7.84 6.18 20.17
CA THR A 97 7.09 7.42 19.91
C THR A 97 6.66 7.98 21.26
N PRO A 98 6.97 9.26 21.61
CA PRO A 98 6.53 9.80 22.91
C PRO A 98 5.02 9.70 23.06
N ARG A 99 4.56 9.43 24.29
CA ARG A 99 3.14 9.32 24.56
C ARG A 99 2.43 10.66 24.33
N PRO A 100 1.34 10.68 23.51
CA PRO A 100 0.57 11.93 23.34
C PRO A 100 0.11 12.47 24.69
N LEU A 101 -0.06 13.78 24.78
CA LEU A 101 -0.53 14.47 25.97
C LEU A 101 -1.97 14.04 26.35
N PRO A 102 -2.40 14.26 27.62
CA PRO A 102 -3.76 13.84 28.01
C PRO A 102 -4.90 14.48 27.24
N GLY A 103 -4.79 15.77 26.88
CA GLY A 103 -5.86 16.40 26.10
C GLY A 103 -5.88 15.83 24.69
N THR A 104 -4.67 15.60 24.10
CA THR A 104 -4.57 14.98 22.77
C THR A 104 -5.24 13.59 22.80
N ARG A 105 -4.96 12.76 23.84
CA ARG A 105 -5.57 11.42 23.94
C ARG A 105 -7.09 11.47 24.04
N LYS A 106 -7.62 12.47 24.75
CA LYS A 106 -9.06 12.69 24.91
C LYS A 106 -9.73 13.02 23.57
N VAL A 107 -9.19 14.00 22.80
CA VAL A 107 -9.76 14.36 21.48
C VAL A 107 -9.74 13.15 20.55
N MET A 108 -8.60 12.41 20.56
CA MET A 108 -8.45 11.22 19.71
C MET A 108 -9.50 10.19 20.03
N GLU A 109 -9.74 9.95 21.32
CA GLU A 109 -10.77 9.00 21.79
C GLU A 109 -12.15 9.41 21.35
N ILE A 110 -12.52 10.69 21.55
CA ILE A 110 -13.85 11.20 21.11
C ILE A 110 -14.02 11.05 19.59
N THR A 111 -13.01 11.49 18.81
CA THR A 111 -13.05 11.42 17.34
C THR A 111 -13.13 9.96 16.89
N ALA A 112 -12.32 9.06 17.51
CA ALA A 112 -12.35 7.63 17.14
C ALA A 112 -13.76 7.01 17.36
N GLU A 113 -14.39 7.29 18.54
CA GLU A 113 -15.75 6.77 18.82
C GLU A 113 -16.74 7.26 17.76
N TRP A 114 -16.70 8.56 17.43
CA TRP A 114 -17.59 9.16 16.43
C TRP A 114 -17.38 8.58 15.03
N LEU A 115 -16.10 8.40 14.66
CA LEU A 115 -15.74 7.91 13.34
C LEU A 115 -16.17 6.46 13.12
N TRP A 116 -15.93 5.59 14.10
CA TRP A 116 -16.36 4.19 14.03
C TRP A 116 -17.89 4.13 13.90
N ARG A 117 -18.65 4.95 14.69
CA ARG A 117 -20.13 5.02 14.59
C ARG A 117 -20.58 5.47 13.20
N THR A 118 -19.92 6.48 12.62
CA THR A 118 -20.18 6.96 11.26
C THR A 118 -19.89 5.85 10.23
N LEU A 119 -18.71 5.17 10.35
CA LEU A 119 -18.33 4.11 9.41
C LEU A 119 -19.26 2.89 9.43
N GLY A 120 -19.84 2.59 10.59
CA GLY A 120 -20.76 1.47 10.75
C GLY A 120 -22.23 1.84 10.76
N ARG A 121 -22.58 3.03 10.21
CA ARG A 121 -23.96 3.52 10.13
C ARG A 121 -24.87 2.64 9.22
N ASN A 122 -24.31 2.04 8.13
CA ASN A 122 -25.01 1.18 7.17
C ASN A 122 -24.51 -0.26 7.22
N LYS A 123 -23.20 -0.43 7.39
CA LYS A 123 -22.56 -1.73 7.43
C LYS A 123 -22.46 -2.25 8.85
N ARG A 124 -22.58 -3.58 9.01
CA ARG A 124 -22.41 -4.27 10.28
C ARG A 124 -21.18 -5.15 10.12
N PRO A 125 -20.24 -5.20 11.09
CA PRO A 125 -19.10 -6.13 10.95
C PRO A 125 -19.58 -7.60 10.89
N ARG A 126 -18.73 -8.47 10.30
CA ARG A 126 -18.99 -9.90 10.18
C ARG A 126 -17.66 -10.65 10.11
N LEU A 127 -17.70 -11.98 10.33
CA LEU A 127 -16.55 -12.85 10.22
C LEU A 127 -16.34 -13.18 8.74
N CYS A 128 -15.08 -13.31 8.32
CA CYS A 128 -14.77 -13.76 6.98
C CYS A 128 -14.52 -15.25 7.04
N THR A 129 -14.68 -15.95 5.91
CA THR A 129 -14.68 -17.41 5.96
C THR A 129 -13.51 -18.09 5.30
N ARG A 130 -13.42 -19.42 5.55
CA ARG A 130 -12.45 -20.32 4.96
C ARG A 130 -12.58 -20.22 3.42
N GLU A 131 -13.82 -20.24 2.90
CA GLU A 131 -14.13 -20.26 1.46
C GLU A 131 -13.82 -18.90 0.78
N GLU A 132 -13.97 -17.77 1.51
CA GLU A 132 -13.60 -16.44 1.01
C GLU A 132 -12.06 -16.37 0.86
N PHE A 133 -11.34 -16.84 1.90
CA PHE A 133 -9.89 -16.87 1.95
C PHE A 133 -9.36 -17.78 0.85
N THR A 134 -10.00 -18.95 0.68
CA THR A 134 -9.65 -19.95 -0.34
C THR A 134 -9.82 -19.33 -1.74
N LYS A 135 -10.98 -18.67 -2.01
CA LYS A 135 -11.26 -18.01 -3.30
C LYS A 135 -10.22 -16.91 -3.60
N LYS A 136 -9.81 -16.12 -2.58
CA LYS A 136 -8.80 -15.07 -2.69
C LYS A 136 -7.41 -15.63 -3.01
N VAL A 137 -7.01 -16.72 -2.32
CA VAL A 137 -5.73 -17.39 -2.53
C VAL A 137 -5.66 -17.99 -3.97
N ARG A 138 -6.75 -18.64 -4.42
CA ARG A 138 -6.87 -19.24 -5.75
C ARG A 138 -6.80 -18.19 -6.87
N THR A 139 -7.54 -17.07 -6.73
CA THR A 139 -7.60 -15.98 -7.72
C THR A 139 -6.26 -15.22 -7.78
N ASN A 140 -5.47 -15.27 -6.70
CA ASN A 140 -4.16 -14.63 -6.64
C ASN A 140 -3.10 -15.52 -7.32
N ALA A 141 -3.17 -16.85 -7.08
CA ALA A 141 -2.27 -17.86 -7.64
C ALA A 141 -2.43 -18.01 -9.16
N ALA A 142 -3.63 -17.64 -9.69
CA ALA A 142 -3.96 -17.70 -11.12
C ALA A 142 -3.74 -16.33 -11.78
N ASP A 154 1.94 -20.86 -6.24
CA ASP A 154 2.28 -20.74 -4.82
C ASP A 154 1.81 -21.96 -4.00
N SER A 155 2.53 -22.23 -2.89
CA SER A 155 2.23 -23.31 -1.96
C SER A 155 1.01 -22.98 -1.04
N ALA A 156 0.54 -21.70 -1.08
CA ALA A 156 -0.64 -21.25 -0.33
C ALA A 156 -1.90 -21.91 -0.90
N LYS A 157 -1.95 -22.11 -2.24
CA LYS A 157 -3.06 -22.80 -2.92
C LYS A 157 -3.05 -24.30 -2.54
N ALA A 158 -1.85 -24.87 -2.26
CA ALA A 158 -1.72 -26.27 -1.85
C ALA A 158 -2.14 -26.41 -0.38
N ALA A 159 -1.75 -25.45 0.48
CA ALA A 159 -2.07 -25.42 1.91
C ALA A 159 -3.59 -25.31 2.10
N VAL A 160 -4.22 -24.41 1.35
CA VAL A 160 -5.65 -24.15 1.33
C VAL A 160 -6.45 -25.43 0.93
N GLU A 161 -5.86 -26.26 0.04
CA GLU A 161 -6.39 -27.52 -0.46
C GLU A 161 -6.14 -28.67 0.52
N ASP A 162 -5.25 -28.47 1.51
CA ASP A 162 -4.95 -29.47 2.53
C ASP A 162 -5.89 -29.29 3.73
N GLU A 163 -6.57 -30.39 4.13
CA GLU A 163 -7.51 -30.38 5.24
C GLU A 163 -6.82 -30.19 6.59
N GLU A 164 -5.57 -30.64 6.70
CA GLU A 164 -4.72 -30.58 7.89
C GLU A 164 -4.33 -29.14 8.28
N PHE A 165 -4.31 -28.24 7.28
CA PHE A 165 -4.04 -26.81 7.46
C PHE A 165 -5.21 -26.19 8.24
N TRP A 166 -6.44 -26.54 7.85
CA TRP A 166 -7.66 -26.05 8.46
C TRP A 166 -7.83 -26.59 9.89
N LYS A 167 -7.37 -27.82 10.16
CA LYS A 167 -7.35 -28.43 11.50
C LYS A 167 -6.36 -27.68 12.41
N LEU A 168 -5.19 -27.27 11.88
CA LEU A 168 -4.22 -26.44 12.62
C LEU A 168 -4.88 -25.07 12.92
N VAL A 169 -5.57 -24.46 11.93
CA VAL A 169 -6.31 -23.20 12.06
C VAL A 169 -7.32 -23.31 13.21
N ASP A 170 -8.14 -24.42 13.22
CA ASP A 170 -9.15 -24.67 14.24
C ASP A 170 -8.56 -24.73 15.63
N ARG A 171 -7.40 -25.40 15.78
CA ARG A 171 -6.68 -25.54 17.04
C ARG A 171 -6.17 -24.20 17.52
N GLU A 172 -5.63 -23.35 16.59
CA GLU A 172 -5.15 -22.04 16.98
C GLU A 172 -6.32 -21.17 17.42
N ARG A 173 -7.45 -21.21 16.67
CA ARG A 173 -8.68 -20.47 17.02
C ARG A 173 -9.20 -20.83 18.42
N GLU A 174 -9.13 -22.14 18.82
CA GLU A 174 -9.55 -22.56 20.15
C GLU A 174 -8.70 -21.91 21.25
N LEU A 175 -7.39 -21.76 21.01
CA LEU A 175 -6.50 -21.00 21.90
C LEU A 175 -6.94 -19.56 21.95
N HIS A 176 -7.19 -18.92 20.76
CA HIS A 176 -7.64 -17.52 20.69
C HIS A 176 -8.91 -17.30 21.52
N LYS A 177 -9.87 -18.25 21.45
CA LYS A 177 -11.14 -18.22 22.20
C LYS A 177 -10.90 -18.26 23.72
N LEU A 178 -9.79 -18.87 24.15
CA LEU A 178 -9.35 -18.94 25.55
C LEU A 178 -8.50 -17.72 25.93
N GLY A 179 -8.25 -16.84 24.97
CA GLY A 179 -7.43 -15.64 25.17
C GLY A 179 -5.95 -15.97 25.14
N LYS A 180 -5.58 -16.99 24.35
CA LYS A 180 -4.20 -17.48 24.27
C LYS A 180 -3.74 -17.54 22.82
N CYS A 181 -2.43 -17.43 22.60
CA CYS A 181 -1.84 -17.53 21.26
C CYS A 181 -0.66 -18.50 21.32
N GLY A 182 -0.61 -19.40 20.35
CA GLY A 182 0.45 -20.39 20.30
C GLY A 182 1.37 -20.28 19.11
N SER A 183 0.87 -19.75 17.99
CA SER A 183 1.65 -19.72 16.77
C SER A 183 1.50 -18.49 15.85
N CYS A 184 0.91 -17.36 16.34
CA CYS A 184 0.78 -16.18 15.45
C CYS A 184 1.97 -15.23 15.64
N VAL A 185 2.99 -15.45 14.81
CA VAL A 185 4.28 -14.74 14.80
C VAL A 185 4.44 -14.00 13.47
N TYR A 186 4.81 -12.72 13.54
CA TYR A 186 5.04 -11.85 12.39
C TYR A 186 6.48 -12.08 11.87
N ASN A 187 6.62 -12.29 10.55
CA ASN A 187 7.93 -12.50 9.95
C ASN A 187 8.41 -11.26 9.19
N MET A 188 9.55 -10.67 9.65
CA MET A 188 10.16 -9.48 9.04
C MET A 188 10.95 -9.85 7.80
N SER A 205 10.20 -26.23 6.42
CA SER A 205 9.10 -27.10 6.86
C SER A 205 7.74 -26.49 6.54
N ARG A 206 6.75 -27.36 6.25
CA ARG A 206 5.39 -26.93 5.94
C ARG A 206 4.62 -26.51 7.20
N ALA A 207 5.03 -26.99 8.39
CA ALA A 207 4.40 -26.67 9.67
C ALA A 207 4.48 -25.17 9.99
N ILE A 208 5.68 -24.57 9.88
CA ILE A 208 5.90 -23.14 10.16
C ILE A 208 5.21 -22.26 9.09
N TRP A 209 5.12 -22.76 7.84
CA TRP A 209 4.44 -22.08 6.73
C TRP A 209 2.91 -22.13 6.95
N TYR A 210 2.38 -23.27 7.43
CA TYR A 210 0.98 -23.48 7.77
C TYR A 210 0.60 -22.59 8.95
N MET A 211 1.50 -22.43 9.92
CA MET A 211 1.35 -21.57 11.09
C MET A 211 1.34 -20.09 10.68
N TRP A 212 2.15 -19.70 9.65
CA TRP A 212 2.16 -18.33 9.16
C TRP A 212 0.86 -18.04 8.39
N LEU A 213 0.52 -18.90 7.42
CA LEU A 213 -0.69 -18.73 6.64
C LEU A 213 -1.96 -18.82 7.52
N GLY A 214 -1.90 -19.62 8.59
CA GLY A 214 -2.99 -19.83 9.56
C GLY A 214 -3.24 -18.61 10.41
N VAL A 215 -2.15 -17.93 10.81
CA VAL A 215 -2.16 -16.67 11.55
C VAL A 215 -2.83 -15.63 10.68
N ARG A 216 -2.43 -15.58 9.39
CA ARG A 216 -3.01 -14.66 8.41
C ARG A 216 -4.49 -14.97 8.18
N TYR A 217 -4.86 -16.27 8.05
CA TYR A 217 -6.28 -16.61 7.93
C TYR A 217 -7.10 -16.11 9.14
N LEU A 218 -6.62 -16.33 10.36
CA LEU A 218 -7.35 -15.92 11.57
C LEU A 218 -7.53 -14.40 11.69
N GLU A 219 -6.54 -13.64 11.18
CA GLU A 219 -6.63 -12.19 11.18
C GLU A 219 -7.65 -11.80 10.13
N PHE A 220 -7.63 -12.47 8.97
CA PHE A 220 -8.59 -12.27 7.88
C PHE A 220 -10.01 -12.59 8.38
N GLU A 221 -10.15 -13.69 9.13
CA GLU A 221 -11.42 -14.13 9.71
C GLU A 221 -12.03 -13.03 10.60
N ALA A 222 -11.23 -12.45 11.48
CA ALA A 222 -11.70 -11.44 12.43
C ALA A 222 -11.74 -9.98 11.92
N LEU A 223 -10.79 -9.57 11.07
CA LEU A 223 -10.75 -8.18 10.61
C LEU A 223 -10.88 -7.97 9.11
N GLY A 224 -10.97 -9.05 8.35
CA GLY A 224 -11.09 -9.01 6.89
C GLY A 224 -12.27 -8.23 6.37
N PHE A 225 -13.35 -8.16 7.16
CA PHE A 225 -14.59 -7.44 6.78
C PHE A 225 -14.33 -5.99 6.38
N LEU A 226 -13.32 -5.33 7.00
CA LEU A 226 -12.96 -3.95 6.68
C LEU A 226 -12.63 -3.80 5.19
N ASN A 227 -11.91 -4.79 4.64
CA ASN A 227 -11.57 -4.80 3.22
C ASN A 227 -12.70 -5.42 2.41
N GLU A 228 -13.15 -6.65 2.78
CA GLU A 228 -14.15 -7.43 2.00
C GLU A 228 -15.51 -6.73 1.85
N ASP A 229 -15.92 -5.94 2.84
CA ASP A 229 -17.18 -5.20 2.78
C ASP A 229 -16.95 -3.70 2.54
N HIS A 230 -15.74 -3.36 2.05
CA HIS A 230 -15.36 -2.01 1.63
C HIS A 230 -15.76 -0.92 2.62
N TRP A 231 -15.31 -1.05 3.88
CA TRP A 231 -15.62 -0.02 4.89
C TRP A 231 -14.97 1.32 4.57
N PHE A 232 -13.89 1.31 3.77
CA PHE A 232 -13.15 2.55 3.43
C PHE A 232 -13.38 2.97 1.98
N SER A 233 -14.50 2.55 1.41
CA SER A 233 -14.95 3.01 0.10
C SER A 233 -15.30 4.50 0.34
N ARG A 234 -15.28 5.34 -0.72
CA ARG A 234 -15.61 6.77 -0.58
C ARG A 234 -17.08 6.98 -0.16
N GLU A 235 -18.00 6.14 -0.67
CA GLU A 235 -19.42 6.24 -0.32
C GLU A 235 -19.59 5.97 1.18
N ASN A 236 -18.89 4.96 1.70
CA ASN A 236 -19.02 4.65 3.12
C ASN A 236 -18.23 5.52 4.06
N SER A 237 -16.96 5.86 3.71
CA SER A 237 -16.10 6.62 4.65
C SER A 237 -15.96 8.10 4.39
N TYR A 238 -16.43 8.61 3.21
CA TYR A 238 -16.33 10.02 2.77
C TYR A 238 -14.90 10.42 2.35
N SER A 239 -13.90 10.15 3.22
CA SER A 239 -12.49 10.43 2.94
C SER A 239 -11.82 9.30 2.16
N GLY A 240 -12.29 8.07 2.39
CA GLY A 240 -11.68 6.87 1.80
C GLY A 240 -11.72 6.80 0.30
N VAL A 241 -10.88 5.92 -0.29
CA VAL A 241 -10.79 5.70 -1.73
C VAL A 241 -10.60 4.19 -2.00
N GLU A 242 -10.91 3.34 -1.03
CA GLU A 242 -10.74 1.90 -1.23
C GLU A 242 -11.74 1.40 -2.28
N GLY A 243 -11.25 0.60 -3.23
CA GLY A 243 -12.06 0.09 -4.34
C GLY A 243 -12.16 1.05 -5.50
N GLU A 244 -11.66 2.31 -5.35
CA GLU A 244 -11.78 3.31 -6.41
C GLU A 244 -10.88 3.01 -7.63
N GLY A 245 -9.60 2.72 -7.44
CA GLY A 245 -8.76 2.48 -8.60
C GLY A 245 -7.98 3.72 -8.98
N LEU A 246 -6.69 3.54 -9.39
CA LEU A 246 -5.79 4.64 -9.74
C LEU A 246 -6.43 5.61 -10.72
N HIS A 247 -7.16 5.06 -11.73
CA HIS A 247 -7.86 5.81 -12.77
C HIS A 247 -8.95 6.74 -12.24
N LYS A 248 -9.37 6.55 -10.98
CA LYS A 248 -10.40 7.40 -10.36
C LYS A 248 -9.82 8.42 -9.37
N LEU A 249 -8.60 8.17 -8.85
CA LEU A 249 -8.02 9.06 -7.81
C LEU A 249 -7.85 10.52 -8.25
N GLY A 250 -7.51 10.76 -9.50
CA GLY A 250 -7.31 12.13 -10.00
C GLY A 250 -8.62 12.86 -10.08
N TYR A 251 -9.66 12.17 -10.58
CA TYR A 251 -11.01 12.73 -10.62
C TYR A 251 -11.50 13.11 -9.22
N ILE A 252 -11.22 12.27 -8.22
CA ILE A 252 -11.62 12.54 -6.82
C ILE A 252 -10.83 13.77 -6.34
N LEU A 253 -9.51 13.86 -6.65
CA LEU A 253 -8.74 15.08 -6.26
C LEU A 253 -9.34 16.33 -6.94
N ARG A 254 -9.74 16.21 -8.24
CA ARG A 254 -10.36 17.36 -8.92
C ARG A 254 -11.68 17.75 -8.27
N ASP A 255 -12.50 16.77 -7.82
CA ASP A 255 -13.76 17.07 -7.13
C ASP A 255 -13.50 17.75 -5.79
N ILE A 256 -12.46 17.33 -5.04
CA ILE A 256 -12.11 17.99 -3.77
C ILE A 256 -11.74 19.47 -4.03
N SER A 257 -11.06 19.75 -5.15
CA SER A 257 -10.62 21.11 -5.50
C SER A 257 -11.78 22.10 -5.70
N LYS A 258 -12.99 21.60 -5.99
CA LYS A 258 -14.21 22.42 -6.18
C LYS A 258 -14.77 22.86 -4.84
N ILE A 259 -14.36 22.21 -3.72
CA ILE A 259 -14.89 22.56 -2.41
C ILE A 259 -14.27 23.88 -1.95
N PRO A 260 -15.05 24.89 -1.50
CA PRO A 260 -14.44 26.15 -1.05
C PRO A 260 -13.57 25.92 0.19
N GLY A 261 -12.45 26.64 0.26
CA GLY A 261 -11.51 26.56 1.37
C GLY A 261 -10.10 27.00 1.02
N GLY A 262 -9.12 26.51 1.78
CA GLY A 262 -7.72 26.87 1.58
C GLY A 262 -7.06 26.00 0.54
N ALA A 263 -5.73 25.95 0.58
CA ALA A 263 -4.92 25.11 -0.30
C ALA A 263 -5.17 23.60 -0.04
N MET A 264 -4.59 22.73 -0.89
CA MET A 264 -4.68 21.28 -0.72
C MET A 264 -3.35 20.84 -0.13
N TYR A 265 -3.39 20.22 1.05
CA TYR A 265 -2.22 19.77 1.76
C TYR A 265 -2.07 18.28 1.65
N ALA A 266 -0.85 17.81 1.46
CA ALA A 266 -0.58 16.40 1.32
C ALA A 266 0.73 16.09 2.02
N ASP A 267 0.75 16.15 3.36
CA ASP A 267 2.00 15.89 4.10
C ASP A 267 2.29 14.43 4.29
N ASP A 268 3.55 14.04 4.09
CA ASP A 268 3.99 12.66 4.29
C ASP A 268 4.43 12.53 5.75
N THR A 269 4.07 11.42 6.40
CA THR A 269 4.48 11.08 7.78
C THR A 269 5.76 10.28 7.64
N ALA A 270 6.76 10.53 8.52
CA ALA A 270 8.01 9.75 8.47
C ALA A 270 7.72 8.39 9.14
N GLY A 271 7.73 7.32 8.34
CA GLY A 271 7.47 5.95 8.79
C GLY A 271 6.21 5.79 9.64
N TRP A 272 5.03 6.07 9.05
CA TRP A 272 3.71 5.97 9.67
C TRP A 272 3.51 4.72 10.57
N ASP A 273 3.80 3.53 10.05
CA ASP A 273 3.60 2.27 10.80
C ASP A 273 4.35 2.23 12.11
N THR A 274 5.53 2.87 12.19
CA THR A 274 6.33 2.92 13.44
C THR A 274 5.77 3.99 14.39
N ARG A 275 4.86 4.84 13.89
CA ARG A 275 4.25 5.92 14.68
C ARG A 275 2.88 5.56 15.21
N ILE A 276 2.42 4.34 14.96
CA ILE A 276 1.13 3.87 15.49
C ILE A 276 1.38 3.55 16.99
N THR A 277 0.77 4.34 17.87
CA THR A 277 0.99 4.24 19.30
C THR A 277 0.03 3.26 19.99
N GLU A 278 0.25 3.00 21.30
CA GLU A 278 -0.63 2.16 22.12
C GLU A 278 -2.00 2.79 22.20
N ASP A 279 -2.02 4.13 22.25
CA ASP A 279 -3.27 4.90 22.26
C ASP A 279 -3.99 4.73 20.90
N ASP A 280 -3.26 4.76 19.75
CA ASP A 280 -3.92 4.51 18.45
C ASP A 280 -4.57 3.12 18.42
N LEU A 281 -3.85 2.09 18.85
CA LEU A 281 -4.34 0.70 18.91
C LEU A 281 -5.61 0.54 19.75
N HIS A 282 -5.69 1.22 20.91
CA HIS A 282 -6.88 1.15 21.76
CA HIS A 282 -6.84 1.22 21.82
C HIS A 282 -8.07 1.82 21.11
N ASN A 283 -7.83 2.92 20.34
CA ASN A 283 -8.86 3.62 19.58
C ASN A 283 -9.37 2.79 18.41
N GLU A 284 -8.46 2.04 17.73
CA GLU A 284 -8.83 1.20 16.59
C GLU A 284 -9.69 0.04 17.05
N GLU A 285 -9.40 -0.48 18.23
CA GLU A 285 -10.09 -1.62 18.89
C GLU A 285 -11.58 -1.38 19.13
N LYS A 286 -12.03 -0.11 19.20
CA LYS A 286 -13.42 0.30 19.46
C LYS A 286 -14.43 -0.29 18.47
N ILE A 287 -13.99 -0.66 17.26
CA ILE A 287 -14.86 -1.32 16.27
C ILE A 287 -15.45 -2.65 16.84
N ILE A 288 -14.76 -3.30 17.81
CA ILE A 288 -15.24 -4.56 18.41
C ILE A 288 -16.63 -4.36 19.10
N GLN A 289 -16.96 -3.13 19.54
CA GLN A 289 -18.25 -2.79 20.16
C GLN A 289 -19.42 -3.01 19.22
N GLN A 290 -19.19 -2.94 17.89
CA GLN A 290 -20.25 -3.14 16.89
C GLN A 290 -20.40 -4.59 16.42
N MET A 291 -19.58 -5.50 16.97
CA MET A 291 -19.56 -6.89 16.55
C MET A 291 -20.46 -7.81 17.34
N ASP A 292 -20.94 -8.87 16.66
CA ASP A 292 -21.69 -9.98 17.28
C ASP A 292 -20.77 -10.67 18.32
N PRO A 293 -21.31 -11.31 19.38
CA PRO A 293 -20.43 -11.88 20.42
C PRO A 293 -19.34 -12.85 19.94
N GLU A 294 -19.68 -13.77 19.01
CA GLU A 294 -18.69 -14.74 18.48
C GLU A 294 -17.56 -14.02 17.67
N HIS A 295 -17.93 -12.95 16.93
CA HIS A 295 -17.01 -12.14 16.17
C HIS A 295 -16.11 -11.31 17.10
N ARG A 296 -16.73 -10.59 18.06
CA ARG A 296 -16.02 -9.78 19.05
C ARG A 296 -14.91 -10.56 19.75
N GLN A 297 -15.19 -11.81 20.15
CA GLN A 297 -14.24 -12.68 20.86
C GLN A 297 -12.96 -12.93 20.03
N LEU A 298 -13.13 -13.23 18.73
CA LEU A 298 -12.02 -13.52 17.83
C LEU A 298 -11.25 -12.26 17.45
N ALA A 299 -11.96 -11.12 17.26
CA ALA A 299 -11.35 -9.82 16.93
C ALA A 299 -10.60 -9.27 18.13
N ASN A 300 -11.15 -9.47 19.34
CA ASN A 300 -10.45 -9.09 20.57
C ASN A 300 -9.15 -9.89 20.71
N ALA A 301 -9.16 -11.18 20.31
CA ALA A 301 -7.99 -12.03 20.34
C ALA A 301 -6.92 -11.49 19.39
N ILE A 302 -7.31 -11.10 18.16
CA ILE A 302 -6.35 -10.51 17.22
C ILE A 302 -5.72 -9.23 17.79
N PHE A 303 -6.57 -8.31 18.28
CA PHE A 303 -6.10 -7.03 18.84
C PHE A 303 -5.14 -7.21 19.98
N LYS A 304 -5.55 -7.92 21.03
CA LYS A 304 -4.74 -8.11 22.23
C LYS A 304 -3.50 -8.98 22.03
N LEU A 305 -3.58 -10.03 21.21
CA LEU A 305 -2.45 -10.97 21.07
C LEU A 305 -1.51 -10.72 19.90
N THR A 306 -1.98 -10.11 18.81
CA THR A 306 -1.14 -9.96 17.62
C THR A 306 -0.89 -8.50 17.20
N TYR A 307 -1.66 -7.53 17.74
CA TYR A 307 -1.48 -6.09 17.43
C TYR A 307 -0.89 -5.33 18.61
N GLN A 308 -1.53 -5.47 19.78
CA GLN A 308 -1.13 -4.78 21.02
C GLN A 308 0.02 -5.49 21.74
N ASN A 309 0.34 -6.68 21.26
CA ASN A 309 1.44 -7.52 21.71
C ASN A 309 1.78 -8.26 20.45
N LYS A 310 3.05 -8.50 20.19
CA LYS A 310 3.44 -9.22 18.98
C LYS A 310 4.75 -9.92 19.18
N VAL A 311 4.93 -11.08 18.49
CA VAL A 311 6.17 -11.86 18.50
C VAL A 311 6.67 -11.78 17.08
N VAL A 312 7.90 -11.30 16.94
CA VAL A 312 8.48 -11.04 15.63
C VAL A 312 9.79 -11.81 15.41
N LYS A 313 9.96 -12.28 14.19
CA LYS A 313 11.11 -13.02 13.70
C LYS A 313 11.85 -12.13 12.68
N VAL A 314 13.15 -11.90 12.91
CA VAL A 314 14.00 -11.14 11.98
C VAL A 314 15.40 -11.83 11.90
N GLN A 315 15.95 -11.92 10.68
CA GLN A 315 17.27 -12.49 10.44
C GLN A 315 18.36 -11.49 10.71
N ARG A 316 19.51 -11.98 11.15
CA ARG A 316 20.65 -11.13 11.46
C ARG A 316 21.96 -11.86 11.16
N PRO A 317 22.89 -11.24 10.39
CA PRO A 317 24.17 -11.88 10.15
C PRO A 317 25.09 -11.72 11.37
N THR A 318 25.86 -12.77 11.66
CA THR A 318 26.82 -12.83 12.76
C THR A 318 28.16 -13.31 12.19
N PRO A 319 29.32 -13.13 12.89
CA PRO A 319 30.57 -13.68 12.33
C PRO A 319 30.50 -15.21 12.12
N THR A 320 29.73 -15.91 12.99
CA THR A 320 29.51 -17.36 12.97
C THR A 320 28.52 -17.86 11.88
N GLY A 321 27.66 -16.97 11.35
CA GLY A 321 26.66 -17.30 10.34
C GLY A 321 25.40 -16.45 10.42
N THR A 322 24.23 -17.01 10.08
CA THR A 322 22.94 -16.28 10.14
C THR A 322 22.06 -16.82 11.27
N VAL A 323 21.50 -15.90 12.06
CA VAL A 323 20.60 -16.22 13.17
C VAL A 323 19.26 -15.51 13.01
N MET A 324 18.20 -16.11 13.59
CA MET A 324 16.87 -15.53 13.65
C MET A 324 16.72 -15.03 15.06
N ASP A 325 16.33 -13.76 15.21
CA ASP A 325 16.08 -13.16 16.51
C ASP A 325 14.58 -13.18 16.79
N ILE A 326 14.23 -13.38 18.04
CA ILE A 326 12.85 -13.40 18.50
C ILE A 326 12.66 -12.16 19.34
N ILE A 327 11.83 -11.22 18.84
CA ILE A 327 11.60 -9.94 19.51
C ILE A 327 10.13 -9.66 19.75
N SER A 328 9.84 -8.69 20.62
CA SER A 328 8.47 -8.30 20.93
C SER A 328 8.31 -6.81 21.30
N ARG A 329 7.11 -6.27 21.06
CA ARG A 329 6.72 -4.92 21.48
C ARG A 329 5.21 -4.76 21.60
N LYS A 330 4.77 -3.62 22.14
CA LYS A 330 3.36 -3.35 22.40
C LYS A 330 2.69 -2.36 21.46
N ASP A 331 3.47 -1.70 20.58
CA ASP A 331 2.93 -0.72 19.65
C ASP A 331 3.52 -0.91 18.25
N GLN A 332 3.31 0.09 17.38
CA GLN A 332 3.67 0.06 15.96
C GLN A 332 2.72 -0.87 15.21
N ARG A 333 2.69 -0.73 13.90
CA ARG A 333 1.84 -1.53 13.03
C ARG A 333 2.71 -2.55 12.33
N GLY A 334 2.23 -3.78 12.26
CA GLY A 334 2.87 -4.83 11.48
C GLY A 334 2.45 -4.61 10.05
N SER A 335 3.36 -4.09 9.23
CA SER A 335 3.16 -3.72 7.81
C SER A 335 2.53 -4.80 6.90
N GLY A 336 2.89 -6.06 7.09
CA GLY A 336 2.35 -7.12 6.25
C GLY A 336 1.20 -7.86 6.89
N GLN A 337 0.08 -7.15 7.14
CA GLN A 337 -1.10 -7.71 7.82
C GLN A 337 -2.39 -7.27 7.16
N VAL A 338 -3.42 -8.13 7.28
CA VAL A 338 -4.75 -7.92 6.70
C VAL A 338 -5.38 -6.57 7.13
N GLY A 339 -5.28 -6.25 8.41
CA GLY A 339 -5.93 -5.04 8.96
C GLY A 339 -5.20 -3.73 8.80
N THR A 340 -3.96 -3.77 8.32
CA THR A 340 -3.05 -2.61 8.23
C THR A 340 -3.59 -1.46 7.41
N TYR A 341 -4.02 -1.71 6.15
CA TYR A 341 -4.50 -0.65 5.27
C TYR A 341 -5.70 0.08 5.90
N GLY A 342 -6.72 -0.71 6.28
CA GLY A 342 -7.96 -0.21 6.87
C GLY A 342 -7.75 0.55 8.16
N LEU A 343 -6.97 -0.02 9.11
CA LEU A 343 -6.70 0.64 10.38
C LEU A 343 -5.80 1.88 10.23
N ASN A 344 -4.87 1.88 9.26
CA ASN A 344 -4.03 3.06 9.00
C ASN A 344 -4.96 4.11 8.40
N THR A 345 -5.90 3.71 7.51
CA THR A 345 -6.83 4.69 6.88
C THR A 345 -7.69 5.32 7.98
N PHE A 346 -8.22 4.47 8.90
CA PHE A 346 -9.04 4.91 10.05
C PHE A 346 -8.27 5.94 10.88
N THR A 347 -7.08 5.57 11.38
CA THR A 347 -6.28 6.46 12.25
C THR A 347 -5.82 7.73 11.52
N ASN A 348 -5.54 7.64 10.23
CA ASN A 348 -5.16 8.84 9.46
C ASN A 348 -6.39 9.78 9.32
N MET A 349 -7.60 9.23 9.05
CA MET A 349 -8.83 10.04 9.00
C MET A 349 -9.05 10.75 10.31
N GLU A 350 -8.90 10.03 11.44
CA GLU A 350 -9.04 10.61 12.76
C GLU A 350 -8.01 11.73 12.96
N ALA A 351 -6.72 11.46 12.70
CA ALA A 351 -5.62 12.41 12.90
C ALA A 351 -5.83 13.70 12.07
N GLN A 352 -6.33 13.56 10.82
CA GLN A 352 -6.59 14.71 9.93
C GLN A 352 -7.79 15.53 10.40
N LEU A 353 -8.80 14.88 10.97
CA LEU A 353 -9.95 15.63 11.52
C LEU A 353 -9.51 16.44 12.74
N VAL A 354 -8.62 15.87 13.57
CA VAL A 354 -8.06 16.52 14.77
C VAL A 354 -7.25 17.75 14.30
N ARG A 355 -6.41 17.57 13.25
CA ARG A 355 -5.62 18.69 12.71
C ARG A 355 -6.56 19.78 12.17
N GLN A 356 -7.67 19.41 11.48
CA GLN A 356 -8.65 20.37 10.96
C GLN A 356 -9.28 21.18 12.11
N MET A 357 -9.61 20.51 13.23
CA MET A 357 -10.16 21.14 14.47
C MET A 357 -9.17 22.17 15.02
N GLU A 358 -7.87 21.82 15.13
CA GLU A 358 -6.83 22.76 15.60
C GLU A 358 -6.74 23.99 14.63
N GLY A 359 -6.78 23.74 13.32
CA GLY A 359 -6.75 24.83 12.34
C GLY A 359 -7.91 25.80 12.52
N GLU A 360 -9.10 25.28 12.85
CA GLU A 360 -10.29 26.12 13.07
C GLU A 360 -10.38 26.78 14.43
N GLY A 361 -9.38 26.55 15.28
CA GLY A 361 -9.37 27.13 16.62
C GLY A 361 -10.18 26.34 17.64
N VAL A 362 -10.76 25.20 17.23
CA VAL A 362 -11.57 24.34 18.13
C VAL A 362 -10.67 23.72 19.24
N LEU A 363 -9.46 23.33 18.87
CA LEU A 363 -8.47 22.77 19.78
C LEU A 363 -7.33 23.73 19.88
N THR A 364 -6.98 24.11 21.12
CA THR A 364 -5.88 25.02 21.44
C THR A 364 -4.74 24.23 22.09
N LYS A 365 -3.59 24.89 22.27
CA LYS A 365 -2.43 24.31 22.95
C LYS A 365 -2.83 23.93 24.41
N ALA A 366 -3.61 24.81 25.10
CA ALA A 366 -4.05 24.54 26.48
C ALA A 366 -4.95 23.30 26.54
N ASP A 367 -5.83 23.09 25.53
CA ASP A 367 -6.68 21.91 25.43
C ASP A 367 -5.90 20.61 25.37
N LEU A 368 -4.82 20.58 24.57
CA LEU A 368 -4.01 19.36 24.37
C LEU A 368 -3.32 18.91 25.62
N GLU A 369 -2.98 19.86 26.50
CA GLU A 369 -2.30 19.56 27.76
C GLU A 369 -3.31 19.20 28.84
N ASN A 370 -4.59 19.53 28.62
CA ASN A 370 -5.64 19.39 29.60
C ASN A 370 -6.35 18.03 29.60
N PRO A 371 -6.16 17.19 30.66
CA PRO A 371 -6.93 15.93 30.75
C PRO A 371 -8.44 16.18 30.87
N HIS A 372 -8.80 17.28 31.54
CA HIS A 372 -10.15 17.73 31.82
C HIS A 372 -10.74 18.65 30.75
N LEU A 373 -10.21 18.57 29.50
CA LEU A 373 -10.71 19.39 28.42
C LEU A 373 -12.20 19.11 28.14
N LEU A 374 -12.95 20.15 27.76
CA LEU A 374 -14.38 20.09 27.47
C LEU A 374 -14.68 19.21 26.27
N GLU A 375 -15.33 18.08 26.53
CA GLU A 375 -15.71 17.13 25.48
C GLU A 375 -16.77 17.67 24.56
N LYS A 376 -17.69 18.53 25.09
CA LYS A 376 -18.83 19.11 24.37
C LYS A 376 -18.48 19.86 23.07
N LYS A 377 -17.45 20.72 23.08
CA LYS A 377 -17.08 21.44 21.85
C LYS A 377 -16.56 20.51 20.75
N ILE A 378 -15.91 19.39 21.13
CA ILE A 378 -15.40 18.39 20.17
C ILE A 378 -16.60 17.66 19.58
N THR A 379 -17.51 17.18 20.45
CA THR A 379 -18.73 16.49 20.04
C THR A 379 -19.55 17.38 19.09
N GLN A 380 -19.77 18.64 19.48
CA GLN A 380 -20.52 19.62 18.69
C GLN A 380 -19.89 19.83 17.29
N TRP A 381 -18.55 19.95 17.22
CA TRP A 381 -17.86 20.09 15.93
C TRP A 381 -18.03 18.81 15.10
N LEU A 382 -17.88 17.62 15.71
CA LEU A 382 -18.06 16.38 14.96
C LEU A 382 -19.48 16.20 14.44
N GLU A 383 -20.47 16.42 15.32
CA GLU A 383 -21.88 16.28 14.98
C GLU A 383 -22.38 17.29 13.96
N THR A 384 -21.80 18.48 13.91
CA THR A 384 -22.29 19.48 12.94
C THR A 384 -21.41 19.63 11.69
N LYS A 385 -20.11 19.39 11.81
CA LYS A 385 -19.15 19.61 10.72
C LYS A 385 -18.38 18.37 10.24
N GLY A 386 -18.29 17.34 11.09
CA GLY A 386 -17.55 16.09 10.86
C GLY A 386 -17.56 15.51 9.48
N VAL A 387 -18.77 15.19 8.97
CA VAL A 387 -18.99 14.63 7.64
C VAL A 387 -18.54 15.60 6.57
N GLU A 388 -18.85 16.89 6.71
CA GLU A 388 -18.43 17.85 5.69
C GLU A 388 -16.88 17.90 5.64
N ARG A 389 -16.23 17.88 6.81
CA ARG A 389 -14.75 17.90 6.89
C ARG A 389 -14.10 16.60 6.36
N LEU A 390 -14.81 15.46 6.45
CA LEU A 390 -14.32 14.19 5.88
C LEU A 390 -14.35 14.26 4.35
N LYS A 391 -15.38 14.95 3.79
CA LYS A 391 -15.54 15.13 2.34
C LYS A 391 -14.42 16.00 1.72
N ARG A 392 -13.69 16.77 2.54
CA ARG A 392 -12.56 17.63 2.15
C ARG A 392 -11.25 16.83 2.03
N MET A 393 -11.33 15.51 2.21
CA MET A 393 -10.13 14.65 2.22
C MET A 393 -10.18 13.46 1.32
N ALA A 394 -9.01 12.99 0.92
CA ALA A 394 -8.78 11.75 0.20
C ALA A 394 -7.70 11.07 1.03
N ILE A 395 -8.07 9.94 1.67
CA ILE A 395 -7.18 9.23 2.57
C ILE A 395 -7.06 7.76 2.19
N SER A 396 -5.81 7.32 1.98
CA SER A 396 -5.48 5.95 1.62
C SER A 396 -4.30 5.48 2.50
N GLY A 397 -4.60 4.78 3.58
CA GLY A 397 -3.57 4.40 4.53
C GLY A 397 -2.89 5.63 5.12
N ASP A 398 -1.55 5.70 5.06
CA ASP A 398 -0.78 6.86 5.52
C ASP A 398 -0.82 8.06 4.56
N ASP A 399 -1.35 7.86 3.35
CA ASP A 399 -1.44 8.91 2.35
C ASP A 399 -2.68 9.75 2.57
N CYS A 400 -2.51 11.08 2.60
CA CYS A 400 -3.63 12.01 2.77
C CYS A 400 -3.52 13.25 1.90
N VAL A 401 -4.69 13.76 1.51
CA VAL A 401 -4.87 15.01 0.82
C VAL A 401 -6.00 15.67 1.60
N VAL A 402 -5.80 16.89 2.07
CA VAL A 402 -6.80 17.59 2.89
C VAL A 402 -6.98 18.99 2.31
N LYS A 403 -8.23 19.43 2.12
CA LYS A 403 -8.54 20.81 1.71
C LYS A 403 -9.29 21.45 2.87
N PRO A 404 -8.57 22.05 3.83
CA PRO A 404 -9.24 22.65 4.99
C PRO A 404 -10.07 23.89 4.62
N ILE A 405 -10.85 24.42 5.57
CA ILE A 405 -11.75 25.57 5.29
C ILE A 405 -10.97 26.88 5.00
N ASP A 406 -9.68 26.94 5.40
CA ASP A 406 -8.75 28.07 5.20
C ASP A 406 -7.31 27.58 5.46
N ASP A 407 -6.30 28.46 5.37
CA ASP A 407 -4.91 28.04 5.50
C ASP A 407 -4.35 28.06 6.92
N ARG A 408 -5.20 28.27 7.95
CA ARG A 408 -4.73 28.18 9.35
C ARG A 408 -4.18 26.78 9.61
N PHE A 409 -4.70 25.76 8.88
CA PHE A 409 -4.27 24.34 8.90
C PHE A 409 -2.76 24.21 8.68
N ALA A 410 -2.19 25.00 7.73
CA ALA A 410 -0.74 24.96 7.43
C ALA A 410 0.11 25.03 8.69
N ASN A 411 -0.33 25.85 9.67
CA ASN A 411 0.38 26.05 10.93
C ASN A 411 -0.19 25.29 12.12
N ALA A 412 -1.22 24.49 11.92
CA ALA A 412 -1.86 23.72 13.00
C ALA A 412 -1.08 22.41 13.11
N LEU A 413 -0.03 22.42 13.93
CA LEU A 413 0.93 21.31 14.02
C LEU A 413 1.06 20.71 15.41
N LEU A 414 0.43 21.34 16.41
CA LEU A 414 0.55 20.89 17.80
C LEU A 414 0.03 19.47 17.98
N ALA A 415 -1.24 19.20 17.57
CA ALA A 415 -1.86 17.87 17.70
C ALA A 415 -1.19 16.84 16.79
N LEU A 416 -0.91 17.20 15.53
CA LEU A 416 -0.27 16.27 14.58
C LEU A 416 1.06 15.73 15.12
N ASN A 417 1.93 16.63 15.61
CA ASN A 417 3.21 16.24 16.18
C ASN A 417 2.99 15.45 17.46
N ASP A 418 2.05 15.91 18.29
CA ASP A 418 1.79 15.27 19.59
C ASP A 418 1.16 13.84 19.47
N MET A 419 0.36 13.57 18.42
CA MET A 419 -0.23 12.27 18.16
C MET A 419 0.87 11.30 17.67
N GLY A 420 2.05 11.85 17.37
CA GLY A 420 3.22 11.11 16.90
C GLY A 420 3.33 11.07 15.39
N LYS A 421 2.45 11.78 14.67
CA LYS A 421 2.45 11.74 13.21
C LYS A 421 3.33 12.87 12.62
N VAL A 422 4.61 12.84 13.02
CA VAL A 422 5.62 13.81 12.63
C VAL A 422 5.86 13.74 11.11
N ARG A 423 5.78 14.89 10.45
CA ARG A 423 5.97 14.97 9.00
C ARG A 423 7.42 14.67 8.59
N LYS A 424 7.57 13.96 7.47
CA LYS A 424 8.86 13.56 6.92
C LYS A 424 9.66 14.75 6.34
N ASP A 425 10.99 14.82 6.65
CA ASP A 425 11.99 15.78 6.13
C ASP A 425 11.57 17.25 6.12
N ILE A 426 11.20 17.78 7.28
CA ILE A 426 10.79 19.17 7.47
C ILE A 426 10.92 19.44 8.98
N PRO A 427 11.45 20.61 9.45
CA PRO A 427 11.50 20.84 10.89
C PRO A 427 10.10 20.75 11.49
N GLN A 428 10.00 20.32 12.73
CA GLN A 428 8.74 20.06 13.39
C GLN A 428 7.74 21.18 13.32
N TRP A 429 8.19 22.42 13.51
CA TRP A 429 7.28 23.57 13.59
C TRP A 429 7.26 24.41 12.35
N GLN A 430 7.88 23.95 11.26
CA GLN A 430 7.80 24.71 10.00
C GLN A 430 6.40 24.51 9.36
N PRO A 431 5.67 25.59 8.97
CA PRO A 431 4.34 25.39 8.38
C PRO A 431 4.38 24.49 7.16
N SER A 432 3.31 23.72 6.97
CA SER A 432 3.17 22.86 5.80
C SER A 432 2.99 23.73 4.57
N LYS A 433 3.48 23.24 3.45
CA LYS A 433 3.28 23.94 2.18
C LYS A 433 2.17 23.16 1.46
N GLY A 434 1.09 23.83 1.11
CA GLY A 434 0.01 23.25 0.32
C GLY A 434 -0.01 23.77 -1.11
N TRP A 435 -0.84 23.15 -1.96
CA TRP A 435 -1.00 23.51 -3.38
C TRP A 435 -2.34 24.12 -3.69
N HIS A 436 -2.35 25.11 -4.61
CA HIS A 436 -3.58 25.73 -5.03
C HIS A 436 -4.03 25.16 -6.39
N ASP A 437 -3.36 24.10 -6.85
CA ASP A 437 -3.72 23.38 -8.08
CA ASP A 437 -3.71 23.37 -8.08
C ASP A 437 -3.71 21.89 -7.74
N TRP A 438 -4.86 21.23 -7.83
CA TRP A 438 -5.02 19.80 -7.54
C TRP A 438 -4.08 18.93 -8.40
N GLN A 439 -3.67 19.44 -9.60
CA GLN A 439 -2.74 18.72 -10.49
C GLN A 439 -1.30 18.65 -9.96
N GLN A 440 -0.96 19.48 -8.97
CA GLN A 440 0.37 19.49 -8.39
C GLN A 440 0.41 18.62 -7.14
N VAL A 441 -0.75 18.19 -6.67
CA VAL A 441 -0.85 17.43 -5.41
C VAL A 441 -0.32 16.00 -5.52
N PRO A 442 0.66 15.60 -4.65
CA PRO A 442 1.09 14.20 -4.66
C PRO A 442 0.13 13.32 -3.82
N PHE A 443 -0.18 12.15 -4.33
CA PHE A 443 -1.07 11.21 -3.64
C PHE A 443 -0.79 9.83 -4.17
N CYS A 444 -0.45 8.88 -3.26
CA CYS A 444 -0.23 7.47 -3.62
C CYS A 444 0.87 7.28 -4.69
N SER A 445 1.96 8.04 -4.52
CA SER A 445 3.16 8.03 -5.40
C SER A 445 2.89 8.56 -6.79
N HIS A 446 1.75 9.24 -6.99
CA HIS A 446 1.37 9.81 -8.27
C HIS A 446 0.94 11.25 -8.13
N HIS A 447 0.75 11.89 -9.27
CA HIS A 447 0.13 13.22 -9.38
C HIS A 447 -0.80 13.02 -10.59
N PHE A 448 -1.68 13.97 -10.88
CA PHE A 448 -2.67 13.74 -11.93
C PHE A 448 -2.79 14.91 -12.87
N HIS A 449 -2.94 14.62 -14.18
CA HIS A 449 -3.03 15.65 -15.21
C HIS A 449 -4.41 15.65 -15.85
N GLU A 450 -4.89 16.83 -16.20
CA GLU A 450 -6.13 16.93 -16.94
C GLU A 450 -5.76 17.16 -18.41
N LEU A 451 -6.16 16.22 -19.28
CA LEU A 451 -5.90 16.26 -20.72
C LEU A 451 -7.14 16.59 -21.50
N ILE A 452 -6.97 17.25 -22.64
CA ILE A 452 -8.07 17.55 -23.57
C ILE A 452 -7.89 16.63 -24.76
N MET A 453 -8.87 15.79 -25.05
CA MET A 453 -8.79 14.87 -26.19
C MET A 453 -9.03 15.64 -27.50
N LYS A 454 -8.51 15.13 -28.63
CA LYS A 454 -8.74 15.74 -29.97
C LYS A 454 -10.24 16.06 -30.22
N ASP A 455 -11.19 15.28 -29.62
CA ASP A 455 -12.62 15.50 -29.80
C ASP A 455 -13.24 16.48 -28.77
N GLY A 456 -12.39 17.14 -27.97
CA GLY A 456 -12.81 18.11 -26.96
C GLY A 456 -13.12 17.56 -25.58
N ARG A 457 -13.18 16.22 -25.43
CA ARG A 457 -13.49 15.67 -24.10
C ARG A 457 -12.29 15.73 -23.16
N LYS A 458 -12.55 15.93 -21.89
CA LYS A 458 -11.49 15.99 -20.89
C LYS A 458 -11.30 14.64 -20.26
N LEU A 459 -10.03 14.30 -19.95
CA LEU A 459 -9.67 13.09 -19.23
C LEU A 459 -8.78 13.56 -18.06
N VAL A 460 -8.81 12.83 -16.95
CA VAL A 460 -7.91 13.05 -15.80
C VAL A 460 -7.10 11.80 -15.70
N VAL A 461 -5.79 11.92 -15.92
CA VAL A 461 -4.90 10.77 -16.00
C VAL A 461 -3.86 10.68 -14.85
N PRO A 462 -3.48 9.44 -14.47
CA PRO A 462 -2.45 9.30 -13.43
C PRO A 462 -1.04 9.38 -14.01
N CYS A 463 -0.07 9.88 -13.21
CA CYS A 463 1.30 10.04 -13.70
C CYS A 463 2.31 9.99 -12.56
N ARG A 464 3.55 9.60 -12.86
CA ARG A 464 4.66 9.60 -11.88
C ARG A 464 5.98 9.74 -12.65
N PRO A 465 7.13 10.09 -11.99
CA PRO A 465 8.41 10.18 -12.74
C PRO A 465 8.58 8.95 -13.57
N GLN A 466 8.87 9.12 -14.88
CA GLN A 466 8.94 8.02 -15.85
C GLN A 466 9.98 7.00 -15.53
N ASP A 467 11.12 7.42 -14.95
CA ASP A 467 12.21 6.52 -14.55
C ASP A 467 11.72 5.48 -13.58
N GLU A 468 10.73 5.84 -12.73
CA GLU A 468 10.16 4.91 -11.75
C GLU A 468 9.33 3.85 -12.47
N LEU A 469 8.60 4.25 -13.51
CA LEU A 469 7.77 3.32 -14.30
C LEU A 469 8.64 2.35 -15.07
N ILE A 470 9.68 2.86 -15.76
CA ILE A 470 10.63 2.04 -16.53
C ILE A 470 11.46 1.13 -15.60
N GLY A 471 12.02 1.70 -14.53
CA GLY A 471 12.82 0.97 -13.55
C GLY A 471 12.10 -0.20 -12.93
N ARG A 472 10.79 -0.02 -12.60
CA ARG A 472 9.97 -1.08 -12.04
C ARG A 472 9.70 -2.20 -13.08
N ALA A 473 9.37 -1.83 -14.33
CA ALA A 473 9.08 -2.79 -15.41
C ALA A 473 10.29 -3.65 -15.76
N ARG A 474 11.49 -3.13 -15.52
CA ARG A 474 12.75 -3.82 -15.78
C ARG A 474 13.13 -4.83 -14.67
N ILE A 475 12.35 -4.88 -13.59
CA ILE A 475 12.59 -5.82 -12.49
C ILE A 475 11.70 -7.07 -12.66
N SER A 476 12.34 -8.24 -12.71
CA SER A 476 11.65 -9.52 -12.81
C SER A 476 11.36 -10.03 -11.38
N GLN A 477 10.30 -10.81 -11.22
CA GLN A 477 9.86 -11.24 -9.89
C GLN A 477 10.28 -12.68 -9.55
N GLY A 478 11.56 -12.82 -9.22
CA GLY A 478 12.16 -14.10 -8.83
C GLY A 478 13.16 -14.67 -9.82
N ALA A 479 13.88 -15.73 -9.39
CA ALA A 479 14.88 -16.44 -10.18
C ALA A 479 14.34 -17.78 -10.70
N GLY A 480 15.00 -18.31 -11.72
CA GLY A 480 14.61 -19.57 -12.35
C GLY A 480 13.43 -19.42 -13.28
N TRP A 481 13.20 -18.18 -13.75
CA TRP A 481 12.11 -17.83 -14.64
C TRP A 481 12.54 -17.96 -16.09
N SER A 482 11.75 -18.71 -16.87
CA SER A 482 11.96 -18.94 -18.29
C SER A 482 11.72 -17.65 -19.10
N LEU A 483 12.13 -17.64 -20.37
CA LEU A 483 11.93 -16.50 -21.27
C LEU A 483 10.44 -16.23 -21.45
N ARG A 484 9.61 -17.29 -21.49
CA ARG A 484 8.15 -17.19 -21.62
C ARG A 484 7.52 -16.44 -20.45
N GLU A 485 7.91 -16.77 -19.20
CA GLU A 485 7.37 -16.12 -18.01
C GLU A 485 7.83 -14.66 -17.90
N THR A 486 9.09 -14.40 -18.30
CA THR A 486 9.74 -13.08 -18.31
C THR A 486 9.08 -12.16 -19.33
N ALA A 487 8.81 -12.71 -20.55
CA ALA A 487 8.16 -12.00 -21.65
C ALA A 487 6.72 -11.66 -21.29
N CYS A 488 6.03 -12.58 -20.60
CA CYS A 488 4.63 -12.42 -20.19
C CYS A 488 4.46 -11.37 -19.11
N LEU A 489 5.47 -11.21 -18.22
CA LEU A 489 5.43 -10.18 -17.19
C LEU A 489 5.72 -8.83 -17.87
N GLY A 490 6.59 -8.86 -18.86
CA GLY A 490 6.93 -7.70 -19.69
C GLY A 490 5.69 -7.17 -20.39
N LYS A 491 4.88 -8.10 -20.96
CA LYS A 491 3.61 -7.78 -21.64
C LYS A 491 2.64 -7.17 -20.61
N ALA A 492 2.59 -7.70 -19.37
CA ALA A 492 1.74 -7.15 -18.29
C ALA A 492 2.09 -5.70 -18.01
N TYR A 493 3.39 -5.37 -17.89
CA TYR A 493 3.87 -4.01 -17.72
C TYR A 493 3.52 -3.14 -18.92
N ALA A 494 3.72 -3.66 -20.13
CA ALA A 494 3.37 -2.94 -21.37
C ALA A 494 1.90 -2.60 -21.43
N GLN A 495 1.03 -3.57 -21.08
CA GLN A 495 -0.43 -3.38 -21.13
C GLN A 495 -0.90 -2.45 -20.03
N MET A 496 -0.28 -2.50 -18.83
CA MET A 496 -0.60 -1.54 -17.75
C MET A 496 -0.29 -0.10 -18.24
N TRP A 497 0.84 0.08 -18.93
CA TRP A 497 1.22 1.38 -19.51
C TRP A 497 0.21 1.82 -20.56
N SER A 498 -0.29 0.89 -21.42
CA SER A 498 -1.27 1.24 -22.45
CA SER A 498 -1.26 1.27 -22.45
C SER A 498 -2.56 1.70 -21.81
N LEU A 499 -2.88 1.17 -20.61
CA LEU A 499 -4.12 1.51 -19.92
CA LEU A 499 -4.12 1.49 -19.91
C LEU A 499 -4.02 2.71 -18.99
N MET A 500 -2.93 2.83 -18.21
CA MET A 500 -2.83 3.95 -17.26
C MET A 500 -1.87 5.05 -17.65
N TYR A 501 -0.81 4.73 -18.39
CA TYR A 501 0.25 5.67 -18.73
C TYR A 501 0.47 5.86 -20.24
N PHE A 502 -0.60 5.69 -21.02
CA PHE A 502 -0.63 5.84 -22.49
C PHE A 502 -0.25 7.25 -22.92
N HIS A 503 -0.41 8.23 -22.02
CA HIS A 503 -0.20 9.66 -22.23
C HIS A 503 1.28 10.04 -22.19
N ARG A 504 2.16 9.07 -21.89
CA ARG A 504 3.61 9.24 -21.86
C ARG A 504 4.13 8.66 -23.18
N ARG A 505 4.70 9.54 -24.05
CA ARG A 505 5.17 9.18 -25.40
C ARG A 505 6.10 7.95 -25.40
N ASP A 506 7.14 7.94 -24.53
CA ASP A 506 8.10 6.82 -24.41
C ASP A 506 7.44 5.54 -23.99
N LEU A 507 6.43 5.62 -23.08
CA LEU A 507 5.77 4.40 -22.60
C LEU A 507 4.82 3.83 -23.64
N ARG A 508 4.14 4.68 -24.43
CA ARG A 508 3.28 4.14 -25.50
C ARG A 508 4.16 3.42 -26.54
N LEU A 509 5.26 4.05 -26.94
CA LEU A 509 6.21 3.47 -27.88
C LEU A 509 6.80 2.16 -27.32
N ALA A 510 7.38 2.18 -26.08
CA ALA A 510 7.92 0.94 -25.47
C ALA A 510 6.84 -0.13 -25.30
N SER A 511 5.58 0.26 -24.95
CA SER A 511 4.49 -0.70 -24.78
C SER A 511 4.17 -1.40 -26.13
N ASN A 512 4.12 -0.62 -27.24
CA ASN A 512 3.88 -1.12 -28.60
C ASN A 512 5.01 -2.09 -28.97
N ALA A 513 6.26 -1.71 -28.64
CA ALA A 513 7.44 -2.52 -28.90
C ALA A 513 7.37 -3.87 -28.17
N ILE A 514 7.07 -3.87 -26.86
CA ILE A 514 6.96 -5.09 -26.02
C ILE A 514 5.86 -6.00 -26.58
N CYS A 515 4.68 -5.43 -26.87
CA CYS A 515 3.54 -6.21 -27.40
C CYS A 515 3.77 -6.74 -28.81
N SER A 516 4.67 -6.12 -29.57
CA SER A 516 5.06 -6.59 -30.89
C SER A 516 6.10 -7.73 -30.76
N ALA A 517 6.90 -7.71 -29.68
CA ALA A 517 7.95 -8.70 -29.42
C ALA A 517 7.48 -9.97 -28.73
N VAL A 518 6.36 -9.92 -28.03
CA VAL A 518 5.81 -11.04 -27.26
C VAL A 518 4.66 -11.68 -28.09
N PRO A 519 4.61 -13.03 -28.24
CA PRO A 519 3.50 -13.65 -29.01
C PRO A 519 2.12 -13.15 -28.57
N VAL A 520 1.29 -12.76 -29.54
CA VAL A 520 -0.07 -12.19 -29.32
C VAL A 520 -0.95 -13.03 -28.40
N HIS A 521 -0.85 -14.37 -28.51
CA HIS A 521 -1.71 -15.26 -27.72
C HIS A 521 -1.17 -15.60 -26.33
N TRP A 522 0.05 -15.16 -25.97
CA TRP A 522 0.58 -15.41 -24.63
C TRP A 522 -0.08 -14.45 -23.62
N VAL A 523 -0.63 -15.03 -22.55
CA VAL A 523 -1.36 -14.33 -21.50
C VAL A 523 -0.38 -13.65 -20.53
N PRO A 524 -0.56 -12.34 -20.22
CA PRO A 524 0.31 -11.71 -19.20
C PRO A 524 0.25 -12.47 -17.87
N THR A 525 1.42 -12.68 -17.23
CA THR A 525 1.50 -13.41 -15.95
C THR A 525 2.14 -12.56 -14.87
N SER A 526 2.03 -13.05 -13.62
CA SER A 526 2.51 -12.44 -12.39
C SER A 526 1.72 -11.13 -12.19
N ARG A 527 2.26 -10.19 -11.45
CA ARG A 527 1.57 -8.92 -11.24
C ARG A 527 2.53 -7.80 -11.36
N THR A 528 2.06 -6.67 -11.87
CA THR A 528 2.89 -5.49 -12.06
C THR A 528 3.09 -4.71 -10.76
N THR A 529 2.14 -4.86 -9.83
CA THR A 529 2.06 -4.16 -8.56
C THR A 529 1.16 -4.92 -7.57
N TRP A 530 1.33 -4.64 -6.28
CA TRP A 530 0.51 -5.20 -5.20
C TRP A 530 -0.39 -4.10 -4.61
N SER A 531 -0.39 -2.91 -5.26
CA SER A 531 -1.20 -1.76 -4.84
C SER A 531 -2.66 -2.12 -4.78
N ILE A 532 -3.36 -1.62 -3.76
CA ILE A 532 -4.80 -1.85 -3.57
C ILE A 532 -5.59 -1.08 -4.60
N HIS A 533 -4.96 -0.04 -5.20
CA HIS A 533 -5.55 0.81 -6.24
C HIS A 533 -5.47 0.21 -7.66
N ALA A 534 -4.80 -0.93 -7.80
CA ALA A 534 -4.65 -1.65 -9.06
C ALA A 534 -5.78 -2.67 -9.22
N HIS A 535 -6.48 -2.63 -10.36
CA HIS A 535 -7.56 -3.57 -10.66
C HIS A 535 -7.15 -4.55 -11.76
N HIS A 536 -5.90 -4.42 -12.26
CA HIS A 536 -5.26 -5.33 -13.21
C HIS A 536 -6.08 -5.63 -14.49
N GLN A 537 -6.68 -4.59 -15.09
CA GLN A 537 -7.47 -4.76 -16.33
C GLN A 537 -6.56 -5.10 -17.51
N TRP A 538 -5.24 -4.92 -17.33
CA TRP A 538 -4.21 -5.22 -18.34
C TRP A 538 -3.84 -6.70 -18.38
N MET A 539 -4.36 -7.48 -17.42
CA MET A 539 -4.08 -8.91 -17.31
C MET A 539 -5.08 -9.65 -18.20
N THR A 540 -4.93 -9.48 -19.51
CA THR A 540 -5.83 -10.07 -20.53
C THR A 540 -5.13 -10.14 -21.89
N THR A 541 -5.74 -10.85 -22.86
CA THR A 541 -5.25 -10.90 -24.24
C THR A 541 -6.26 -10.17 -25.10
N GLU A 542 -7.25 -9.56 -24.45
CA GLU A 542 -8.23 -8.72 -25.12
C GLU A 542 -7.47 -7.52 -25.70
N ASP A 543 -8.01 -6.94 -26.79
CA ASP A 543 -7.46 -5.78 -27.46
C ASP A 543 -7.36 -4.63 -26.43
N MET A 544 -6.16 -4.01 -26.32
CA MET A 544 -5.96 -2.94 -25.33
C MET A 544 -6.77 -1.70 -25.61
N LEU A 545 -7.07 -1.40 -26.88
CA LEU A 545 -7.93 -0.25 -27.18
C LEU A 545 -9.37 -0.47 -26.69
N THR A 546 -9.88 -1.72 -26.75
CA THR A 546 -11.20 -2.10 -26.24
C THR A 546 -11.20 -1.97 -24.69
N VAL A 547 -10.16 -2.48 -24.01
CA VAL A 547 -10.04 -2.29 -22.54
C VAL A 547 -9.98 -0.76 -22.21
N TRP A 548 -9.16 0.00 -22.97
CA TRP A 548 -9.02 1.46 -22.78
C TRP A 548 -10.40 2.12 -22.81
N ASN A 549 -11.23 1.83 -23.87
CA ASN A 549 -12.60 2.38 -23.97
C ASN A 549 -13.49 2.00 -22.79
N ARG A 550 -13.39 0.75 -22.34
CA ARG A 550 -14.21 0.27 -21.22
C ARG A 550 -13.89 1.08 -19.94
N VAL A 551 -12.62 1.22 -19.60
CA VAL A 551 -12.18 1.93 -18.38
C VAL A 551 -12.37 3.45 -18.48
N TRP A 552 -11.84 4.07 -19.55
CA TRP A 552 -11.81 5.53 -19.67
C TRP A 552 -13.08 6.15 -20.20
N ILE A 553 -13.89 5.37 -20.94
CA ILE A 553 -15.14 5.93 -21.51
C ILE A 553 -16.37 5.28 -20.88
N GLU A 554 -16.65 4.00 -21.18
CA GLU A 554 -17.87 3.33 -20.68
C GLU A 554 -18.09 3.35 -19.18
N GLU A 555 -17.12 2.83 -18.42
CA GLU A 555 -17.21 2.72 -16.96
C GLU A 555 -16.91 4.00 -16.19
N ASN A 556 -16.28 4.98 -16.84
CA ASN A 556 -15.87 6.24 -16.25
C ASN A 556 -17.05 7.14 -15.90
N PRO A 557 -17.38 7.31 -14.61
CA PRO A 557 -18.51 8.20 -14.26
C PRO A 557 -18.25 9.66 -14.50
N TRP A 558 -16.97 10.08 -14.70
CA TRP A 558 -16.74 11.49 -15.00
C TRP A 558 -16.67 11.75 -16.54
N MET A 559 -17.10 10.76 -17.35
CA MET A 559 -17.12 10.85 -18.84
C MET A 559 -18.58 10.74 -19.25
N GLU A 560 -19.29 11.88 -19.39
CA GLU A 560 -20.73 11.93 -19.75
C GLU A 560 -21.02 11.40 -21.16
N ASP A 561 -20.18 11.79 -22.12
CA ASP A 561 -20.27 11.36 -23.50
C ASP A 561 -19.58 10.01 -23.64
N LYS A 562 -20.36 8.95 -23.95
CA LYS A 562 -19.85 7.59 -24.08
C LYS A 562 -19.36 7.23 -25.50
N THR A 563 -19.09 8.23 -26.36
CA THR A 563 -18.60 7.95 -27.71
C THR A 563 -17.24 7.22 -27.62
N PRO A 564 -17.09 6.03 -28.21
CA PRO A 564 -15.80 5.34 -28.14
C PRO A 564 -14.72 6.03 -28.98
N VAL A 565 -13.48 5.73 -28.63
CA VAL A 565 -12.28 6.15 -29.34
C VAL A 565 -11.94 4.94 -30.18
N THR A 566 -11.92 5.10 -31.50
CA THR A 566 -11.75 4.02 -32.46
C THR A 566 -10.32 3.78 -32.89
N THR A 567 -9.42 4.72 -32.57
CA THR A 567 -8.00 4.63 -32.90
C THR A 567 -7.12 5.17 -31.75
N TRP A 568 -5.91 4.60 -31.57
CA TRP A 568 -4.93 5.07 -30.58
C TRP A 568 -4.45 6.49 -30.93
N GLU A 569 -4.59 6.90 -32.22
CA GLU A 569 -4.24 8.22 -32.69
C GLU A 569 -5.14 9.27 -32.04
N ASN A 570 -6.30 8.84 -31.55
CA ASN A 570 -7.24 9.71 -30.84
C ASN A 570 -7.10 9.53 -29.30
N VAL A 571 -6.17 8.65 -28.85
CA VAL A 571 -5.90 8.47 -27.40
C VAL A 571 -4.79 9.49 -27.08
N PRO A 572 -5.10 10.47 -26.23
CA PRO A 572 -4.18 11.60 -26.05
C PRO A 572 -2.87 11.33 -25.30
N TYR A 573 -1.99 12.29 -25.45
CA TYR A 573 -0.72 12.36 -24.79
C TYR A 573 -0.75 13.59 -23.92
N LEU A 574 0.18 13.63 -22.96
CA LEU A 574 0.45 14.83 -22.19
C LEU A 574 1.02 15.81 -23.20
N GLY A 575 0.91 17.10 -22.94
CA GLY A 575 1.60 18.10 -23.75
C GLY A 575 3.07 17.75 -23.66
N LYS A 576 3.83 17.95 -24.74
CA LYS A 576 5.25 17.60 -24.81
C LYS A 576 6.10 18.16 -23.64
N ARG A 577 5.83 19.41 -23.21
CA ARG A 577 6.58 20.02 -22.13
C ARG A 577 6.30 19.31 -20.79
N GLU A 578 5.02 18.96 -20.50
CA GLU A 578 4.65 18.20 -19.30
C GLU A 578 5.28 16.80 -19.35
N ASP A 579 5.26 16.15 -20.53
CA ASP A 579 5.86 14.81 -20.67
C ASP A 579 7.34 14.88 -20.27
N GLN A 580 8.05 15.89 -20.79
CA GLN A 580 9.46 16.15 -20.50
C GLN A 580 9.66 16.47 -19.03
N TRP A 581 8.78 17.32 -18.44
CA TRP A 581 8.91 17.65 -17.00
C TRP A 581 8.73 16.37 -16.14
N CYS A 582 7.96 15.37 -16.65
CA CYS A 582 7.73 14.15 -15.91
C CYS A 582 8.66 12.98 -16.33
N GLY A 583 9.78 13.33 -16.93
CA GLY A 583 10.86 12.39 -17.22
C GLY A 583 11.03 11.84 -18.61
N SER A 584 10.24 12.28 -19.60
CA SER A 584 10.34 11.81 -20.99
C SER A 584 11.71 12.11 -21.59
N LEU A 585 12.22 11.19 -22.40
CA LEU A 585 13.46 11.41 -23.13
C LEU A 585 13.15 11.97 -24.52
N ILE A 586 11.88 12.36 -24.80
CA ILE A 586 11.50 12.96 -26.08
C ILE A 586 12.33 14.23 -26.33
N GLY A 587 12.87 14.35 -27.53
CA GLY A 587 13.71 15.48 -27.89
C GLY A 587 15.19 15.19 -27.76
N LEU A 588 15.55 14.01 -27.20
CA LEU A 588 16.95 13.62 -27.09
C LEU A 588 17.30 12.77 -28.28
N THR A 589 18.58 12.82 -28.72
CA THR A 589 19.09 12.07 -29.86
C THR A 589 19.06 10.57 -29.60
N SER A 590 19.53 10.12 -28.42
CA SER A 590 19.52 8.70 -28.03
C SER A 590 18.09 8.14 -28.10
N ARG A 591 17.08 8.94 -27.74
CA ARG A 591 15.68 8.55 -27.80
C ARG A 591 15.21 8.42 -29.28
N ALA A 592 15.60 9.39 -30.13
CA ALA A 592 15.30 9.40 -31.58
C ALA A 592 15.92 8.17 -32.25
N THR A 593 17.16 7.85 -31.87
CA THR A 593 17.93 6.69 -32.33
C THR A 593 17.23 5.37 -31.89
N TRP A 594 16.70 5.34 -30.64
CA TRP A 594 15.98 4.17 -30.12
C TRP A 594 14.68 3.98 -30.91
N ALA A 595 13.91 5.05 -31.10
CA ALA A 595 12.62 5.04 -31.79
C ALA A 595 12.75 4.55 -33.25
N GLN A 596 13.83 4.98 -33.92
CA GLN A 596 14.15 4.66 -35.30
C GLN A 596 14.53 3.17 -35.46
N ASN A 597 15.38 2.67 -34.55
CA ASN A 597 15.93 1.33 -34.54
C ASN A 597 15.11 0.28 -33.77
N ILE A 598 13.97 0.67 -33.14
CA ILE A 598 13.16 -0.25 -32.35
C ILE A 598 12.72 -1.54 -33.16
N PRO A 599 12.41 -1.53 -34.49
CA PRO A 599 12.07 -2.79 -35.17
C PRO A 599 13.17 -3.86 -35.09
N THR A 600 14.44 -3.42 -35.01
CA THR A 600 15.60 -4.29 -34.91
C THR A 600 15.62 -5.02 -33.57
N ALA A 601 15.36 -4.27 -32.46
CA ALA A 601 15.33 -4.85 -31.13
C ALA A 601 14.15 -5.81 -30.98
N ILE A 602 12.97 -5.45 -31.53
CA ILE A 602 11.75 -6.28 -31.52
C ILE A 602 12.06 -7.64 -32.17
N GLN A 603 12.67 -7.60 -33.38
CA GLN A 603 13.05 -8.77 -34.17
C GLN A 603 14.03 -9.66 -33.43
N GLN A 604 14.95 -9.07 -32.68
CA GLN A 604 15.91 -9.81 -31.86
C GLN A 604 15.21 -10.57 -30.73
N VAL A 605 14.16 -9.97 -30.13
CA VAL A 605 13.38 -10.63 -29.09
C VAL A 605 12.59 -11.78 -29.73
N ARG A 606 11.92 -11.51 -30.87
CA ARG A 606 11.12 -12.51 -31.62
C ARG A 606 11.99 -13.72 -32.00
N SER A 607 13.21 -13.48 -32.50
CA SER A 607 14.10 -14.57 -32.90
C SER A 607 14.49 -15.49 -31.72
N LEU A 608 14.64 -14.92 -30.52
CA LEU A 608 15.01 -15.70 -29.33
C LEU A 608 13.83 -16.39 -28.70
N ILE A 609 12.61 -15.85 -28.89
CA ILE A 609 11.38 -16.47 -28.43
C ILE A 609 11.06 -17.67 -29.37
N GLY A 610 11.23 -17.48 -30.66
CA GLY A 610 11.00 -18.54 -31.63
C GLY A 610 9.90 -18.30 -32.63
N ASN A 611 9.56 -19.36 -33.41
CA ASN A 611 8.53 -19.30 -34.43
C ASN A 611 7.13 -19.38 -33.80
N GLU A 612 6.60 -18.21 -33.44
CA GLU A 612 5.29 -18.03 -32.81
C GLU A 612 4.51 -16.99 -33.62
N GLU A 613 3.25 -16.75 -33.24
CA GLU A 613 2.40 -15.76 -33.87
C GLU A 613 2.65 -14.39 -33.21
N PHE A 614 3.20 -13.43 -33.97
CA PHE A 614 3.48 -12.07 -33.47
C PHE A 614 2.67 -11.07 -34.28
N LEU A 615 2.42 -9.91 -33.71
CA LEU A 615 1.65 -8.84 -34.36
C LEU A 615 2.47 -7.55 -34.38
N ASP A 616 2.29 -6.71 -35.42
CA ASP A 616 3.01 -5.45 -35.56
C ASP A 616 2.19 -4.26 -35.05
N TYR A 617 2.49 -3.82 -33.81
CA TYR A 617 1.79 -2.71 -33.18
C TYR A 617 2.39 -1.36 -33.54
N MET A 618 3.60 -1.37 -34.13
CA MET A 618 4.32 -0.15 -34.52
C MET A 618 3.67 0.50 -35.75
#